data_2GG0
#
_entry.id   2GG0
#
_cell.length_a   39.481
_cell.length_b   63.055
_cell.length_c   52.641
_cell.angle_alpha   90.00
_cell.angle_beta   109.88
_cell.angle_gamma   90.00
#
_symmetry.space_group_name_H-M   'P 1 21 1'
#
loop_
_entity.id
_entity.type
_entity.pdbx_description
1 polymer 'Methionine aminopeptidase'
2 non-polymer 'COBALT (II) ION'
3 non-polymer 'SODIUM ION'
4 non-polymer 'METHYL N-{(2S,3R)-3-AMINO-2-HYDROXY-3-[4-(TRIFLUOROMETHYL)PHENYL]PROPANOYL}ALANYLGLYCINATE'
5 water water
#
_entity_poly.entity_id   1
_entity_poly.type   'polypeptide(L)'
_entity_poly.pdbx_seq_one_letter_code
;AISIKTPEDIEKMRVAGRLAAEVLEMIEPYVKPGVSTGELDRICNDYIVNEQHAVSACLGYHGYPKSVCISINEVVCHGI
PDDAKLLKDGDIVNIDVTVIKDGFHGDTSKMFIVGKPTIMGERLCRITQESLYLALRMVKPGINLREIGAAIQKFVEAEG
FSVVREYCGHGIGRGFHEEPQVLHYDSRETNVVLKPGMTFTIEPMVNAGKKEIRTMKDGWTVKTKDRSLSAQYEHTIVVT
DNGCEILTLRKDDTIPAIISHDE
;
_entity_poly.pdbx_strand_id   A
#
loop_
_chem_comp.id
_chem_comp.type
_chem_comp.name
_chem_comp.formula
CO non-polymer 'COBALT (II) ION' 'Co 2'
NA non-polymer 'SODIUM ION' 'Na 1'
U11 non-polymer 'METHYL N-{(2S,3R)-3-AMINO-2-HYDROXY-3-[4-(TRIFLUOROMETHYL)PHENYL]PROPANOYL}ALANYLGLYCINATE' 'C16 H20 F3 N3 O5'
#
# COMPACT_ATOMS: atom_id res chain seq x y z
N ILE A 2 14.79 10.53 -12.74
CA ILE A 2 13.84 10.40 -11.59
C ILE A 2 13.77 11.75 -10.85
N SER A 3 12.54 12.16 -10.52
CA SER A 3 12.36 13.47 -9.89
CA SER A 3 12.29 13.45 -9.85
C SER A 3 12.91 13.53 -8.46
N ILE A 4 13.53 14.66 -8.12
CA ILE A 4 14.08 14.91 -6.80
C ILE A 4 13.29 16.01 -6.09
N LYS A 5 12.62 15.67 -4.99
CA LYS A 5 11.71 16.60 -4.30
C LYS A 5 12.48 17.64 -3.47
N THR A 6 11.95 18.86 -3.42
CA THR A 6 12.54 19.92 -2.60
C THR A 6 12.07 19.83 -1.15
N PRO A 7 12.75 20.54 -0.23
CA PRO A 7 12.21 20.47 1.13
C PRO A 7 10.74 20.93 1.22
N GLU A 8 10.38 21.95 0.44
CA GLU A 8 8.98 22.38 0.34
C GLU A 8 8.03 21.29 -0.18
N ASP A 9 8.41 20.63 -1.27
CA ASP A 9 7.65 19.48 -1.80
C ASP A 9 7.47 18.39 -0.75
N ILE A 10 8.55 18.11 -0.01
CA ILE A 10 8.56 17.02 0.95
C ILE A 10 7.64 17.33 2.11
N GLU A 11 7.63 18.58 2.57
CA GLU A 11 6.69 18.95 3.62
C GLU A 11 5.25 18.77 3.16
N LYS A 12 4.96 19.07 1.89
CA LYS A 12 3.60 18.84 1.39
C LYS A 12 3.31 17.37 1.31
N MET A 13 4.33 16.56 1.05
CA MET A 13 4.11 15.13 1.07
CA MET A 13 4.19 15.11 1.08
C MET A 13 3.96 14.56 2.48
N ARG A 14 4.58 15.19 3.49
CA ARG A 14 4.27 14.86 4.87
C ARG A 14 2.81 15.07 5.18
N VAL A 15 2.26 16.18 4.71
CA VAL A 15 0.86 16.50 5.01
C VAL A 15 -0.03 15.49 4.30
N ALA A 16 0.21 15.27 3.00
CA ALA A 16 -0.64 14.32 2.26
C ALA A 16 -0.51 12.90 2.79
N GLY A 17 0.71 12.48 3.12
CA GLY A 17 0.91 11.15 3.69
C GLY A 17 0.20 10.97 5.01
N ARG A 18 0.26 11.99 5.88
CA ARG A 18 -0.44 11.95 7.16
CA ARG A 18 -0.44 11.95 7.17
C ARG A 18 -1.94 11.81 6.94
N LEU A 19 -2.49 12.56 5.98
CA LEU A 19 -3.91 12.44 5.72
C LEU A 19 -4.29 11.02 5.29
N ALA A 20 -3.48 10.42 4.42
CA ALA A 20 -3.82 9.09 3.91
C ALA A 20 -3.76 8.10 5.07
N ALA A 21 -2.73 8.18 5.90
CA ALA A 21 -2.66 7.38 7.13
C ALA A 21 -3.87 7.55 8.03
N GLU A 22 -4.31 8.80 8.18
CA GLU A 22 -5.41 9.10 9.07
C GLU A 22 -6.74 8.56 8.54
N VAL A 23 -6.89 8.42 7.22
CA VAL A 23 -8.07 7.71 6.72
C VAL A 23 -8.09 6.29 7.29
N LEU A 24 -6.94 5.59 7.23
CA LEU A 24 -6.89 4.22 7.73
C LEU A 24 -7.11 4.15 9.24
N GLU A 25 -6.61 5.14 10.00
CA GLU A 25 -6.87 5.12 11.44
CA GLU A 25 -6.86 5.16 11.45
C GLU A 25 -8.34 5.42 11.72
N MET A 26 -8.95 6.26 10.92
CA MET A 26 -10.35 6.64 11.10
C MET A 26 -11.27 5.44 10.81
N ILE A 27 -10.96 4.68 9.78
CA ILE A 27 -11.92 3.69 9.30
C ILE A 27 -11.93 2.45 10.17
N GLU A 28 -10.86 2.21 10.94
CA GLU A 28 -10.73 0.99 11.71
C GLU A 28 -11.98 0.58 12.51
N PRO A 29 -12.57 1.47 13.35
CA PRO A 29 -13.72 1.01 14.15
C PRO A 29 -14.94 0.59 13.30
N TYR A 30 -14.97 0.95 12.03
CA TYR A 30 -16.06 0.56 11.16
C TYR A 30 -15.85 -0.79 10.50
N VAL A 31 -14.62 -1.30 10.53
CA VAL A 31 -14.30 -2.55 9.84
C VAL A 31 -14.67 -3.69 10.78
N LYS A 32 -15.89 -4.21 10.64
CA LYS A 32 -16.47 -5.18 11.60
C LYS A 32 -17.35 -6.12 10.80
N PRO A 33 -17.66 -7.32 11.33
CA PRO A 33 -18.55 -8.26 10.63
C PRO A 33 -19.89 -7.57 10.32
N GLY A 34 -20.38 -7.76 9.09
CA GLY A 34 -21.71 -7.27 8.71
C GLY A 34 -21.67 -5.94 7.96
N VAL A 35 -20.58 -5.15 8.07
CA VAL A 35 -20.48 -3.88 7.33
C VAL A 35 -20.30 -4.17 5.84
N SER A 36 -20.86 -3.34 4.98
CA SER A 36 -20.59 -3.47 3.54
C SER A 36 -19.35 -2.71 3.11
N THR A 37 -18.67 -3.19 2.07
CA THR A 37 -17.52 -2.44 1.60
C THR A 37 -17.98 -1.12 0.95
N GLY A 38 -19.18 -1.08 0.36
CA GLY A 38 -19.73 0.17 -0.13
C GLY A 38 -19.85 1.23 0.95
N GLU A 39 -20.29 0.83 2.14
CA GLU A 39 -20.42 1.77 3.24
CA GLU A 39 -20.41 1.77 3.25
C GLU A 39 -19.05 2.27 3.67
N LEU A 40 -18.08 1.36 3.81
CA LEU A 40 -16.72 1.79 4.18
C LEU A 40 -16.17 2.83 3.20
N ASP A 41 -16.42 2.64 1.91
CA ASP A 41 -15.94 3.59 0.91
C ASP A 41 -16.62 4.96 1.03
N ARG A 42 -17.92 4.99 1.32
CA ARG A 42 -18.59 6.26 1.53
C ARG A 42 -18.05 6.97 2.78
N ILE A 43 -17.76 6.21 3.82
CA ILE A 43 -17.24 6.81 5.05
C ILE A 43 -15.88 7.43 4.73
N CYS A 44 -15.05 6.69 3.99
CA CYS A 44 -13.73 7.25 3.60
C CYS A 44 -13.84 8.47 2.71
N ASN A 45 -14.68 8.40 1.69
CA ASN A 45 -14.75 9.55 0.79
C ASN A 45 -15.30 10.79 1.48
N ASP A 46 -16.36 10.62 2.28
CA ASP A 46 -16.91 11.73 3.07
C ASP A 46 -15.84 12.37 3.96
N TYR A 47 -15.02 11.52 4.59
CA TYR A 47 -13.98 12.03 5.45
C TYR A 47 -12.91 12.81 4.68
N ILE A 48 -12.43 12.21 3.59
CA ILE A 48 -11.43 12.83 2.75
C ILE A 48 -11.91 14.20 2.26
N VAL A 49 -13.14 14.27 1.76
CA VAL A 49 -13.65 15.49 1.17
C VAL A 49 -14.09 16.53 2.21
N ASN A 50 -14.90 16.10 3.17
CA ASN A 50 -15.56 17.02 4.08
C ASN A 50 -14.75 17.39 5.31
N GLU A 51 -13.86 16.49 5.74
CA GLU A 51 -13.04 16.78 6.91
C GLU A 51 -11.60 17.10 6.57
N GLN A 52 -10.99 16.31 5.71
CA GLN A 52 -9.61 16.58 5.32
C GLN A 52 -9.48 17.69 4.28
N HIS A 53 -10.57 17.99 3.58
CA HIS A 53 -10.57 18.94 2.45
C HIS A 53 -9.52 18.54 1.42
N ALA A 54 -9.55 17.26 1.06
CA ALA A 54 -8.63 16.69 0.08
C ALA A 54 -9.50 15.94 -0.95
N VAL A 55 -8.86 15.25 -1.89
CA VAL A 55 -9.59 14.42 -2.84
CA VAL A 55 -9.58 14.44 -2.86
C VAL A 55 -8.97 13.05 -2.94
N SER A 56 -9.80 12.06 -3.24
CA SER A 56 -9.28 10.74 -3.57
C SER A 56 -8.61 10.72 -4.95
N ALA A 57 -7.39 10.21 -5.04
CA ALA A 57 -6.71 10.03 -6.33
C ALA A 57 -7.28 8.92 -7.20
N CYS A 58 -8.01 8.00 -6.56
CA CYS A 58 -8.53 6.83 -7.27
C CYS A 58 -9.86 7.11 -7.97
N LEU A 59 -10.66 8.04 -7.43
CA LEU A 59 -12.01 8.24 -7.92
C LEU A 59 -11.94 8.86 -9.31
N GLY A 60 -12.49 8.15 -10.30
CA GLY A 60 -12.46 8.57 -11.69
C GLY A 60 -11.21 8.19 -12.45
N TYR A 61 -10.22 7.64 -11.74
CA TYR A 61 -8.89 7.44 -12.32
C TYR A 61 -9.01 6.30 -13.31
N HIS A 62 -8.75 6.59 -14.57
CA HIS A 62 -9.01 5.64 -15.65
C HIS A 62 -10.43 5.04 -15.60
N GLY A 63 -11.36 5.80 -15.04
CA GLY A 63 -12.76 5.41 -15.00
C GLY A 63 -13.17 4.70 -13.72
N TYR A 64 -12.24 4.51 -12.79
CA TYR A 64 -12.52 3.77 -11.55
C TYR A 64 -13.65 4.45 -10.79
N PRO A 65 -14.69 3.68 -10.42
CA PRO A 65 -15.92 4.33 -9.90
C PRO A 65 -15.98 4.69 -8.42
N LYS A 66 -15.00 4.31 -7.62
CA LYS A 66 -15.08 4.46 -6.16
C LYS A 66 -13.86 5.23 -5.66
N SER A 67 -13.79 5.46 -4.35
CA SER A 67 -12.76 6.37 -3.81
CA SER A 67 -12.80 6.37 -3.75
C SER A 67 -11.57 5.64 -3.20
N VAL A 68 -11.79 4.44 -2.68
CA VAL A 68 -10.73 3.57 -2.16
C VAL A 68 -10.87 2.19 -2.78
N CYS A 69 -9.84 1.36 -2.66
CA CYS A 69 -9.95 -0.01 -3.12
C CYS A 69 -9.98 -0.91 -1.89
N ILE A 70 -10.93 -1.85 -1.87
CA ILE A 70 -11.12 -2.70 -0.69
C ILE A 70 -11.08 -4.14 -1.20
N SER A 71 -10.03 -4.87 -0.83
CA SER A 71 -9.73 -6.18 -1.41
C SER A 71 -9.81 -7.22 -0.31
N ILE A 72 -10.65 -8.25 -0.48
CA ILE A 72 -10.92 -9.24 0.53
C ILE A 72 -10.36 -10.61 0.10
N ASN A 73 -9.63 -11.27 1.00
CA ASN A 73 -9.26 -12.68 0.82
C ASN A 73 -8.47 -12.96 -0.45
N GLU A 74 -9.01 -13.75 -1.37
CA GLU A 74 -8.30 -14.06 -2.61
C GLU A 74 -8.21 -12.90 -3.61
N VAL A 75 -8.90 -11.80 -3.33
CA VAL A 75 -8.70 -10.58 -4.14
C VAL A 75 -7.33 -9.95 -3.81
N VAL A 76 -6.52 -9.77 -4.85
CA VAL A 76 -5.14 -9.30 -4.72
C VAL A 76 -5.12 -7.78 -4.59
N CYS A 77 -5.90 -7.11 -5.44
CA CYS A 77 -5.92 -5.65 -5.45
C CYS A 77 -7.10 -5.19 -6.29
N HIS A 78 -7.41 -3.90 -6.14
CA HIS A 78 -8.42 -3.19 -6.94
C HIS A 78 -9.84 -3.66 -6.67
N GLY A 79 -10.08 -4.25 -5.49
CA GLY A 79 -11.43 -4.65 -5.15
C GLY A 79 -12.34 -3.44 -5.11
N ILE A 80 -13.52 -3.56 -5.72
CA ILE A 80 -14.42 -2.42 -5.87
C ILE A 80 -15.45 -2.43 -4.72
N PRO A 81 -15.47 -1.37 -3.88
CA PRO A 81 -16.52 -1.25 -2.87
C PRO A 81 -17.91 -1.52 -3.43
N ASP A 82 -18.69 -2.30 -2.69
CA ASP A 82 -19.97 -2.84 -3.16
C ASP A 82 -20.93 -2.85 -1.97
N ASP A 83 -22.10 -2.23 -2.10
CA ASP A 83 -23.10 -2.19 -1.02
C ASP A 83 -23.57 -3.58 -0.63
N ALA A 84 -23.45 -4.53 -1.55
CA ALA A 84 -23.91 -5.90 -1.30
C ALA A 84 -22.83 -6.79 -0.68
N LYS A 85 -21.59 -6.31 -0.63
CA LYS A 85 -20.48 -7.16 -0.17
C LYS A 85 -20.22 -6.95 1.32
N LEU A 86 -20.57 -7.93 2.14
CA LEU A 86 -20.47 -7.79 3.59
C LEU A 86 -19.22 -8.47 4.15
N LEU A 87 -18.55 -7.81 5.09
CA LEU A 87 -17.41 -8.44 5.74
C LEU A 87 -17.91 -9.51 6.71
N LYS A 88 -17.07 -10.51 6.93
CA LYS A 88 -17.47 -11.63 7.79
C LYS A 88 -16.26 -12.13 8.58
N ASP A 89 -16.57 -12.84 9.66
CA ASP A 89 -15.58 -13.48 10.52
CA ASP A 89 -15.53 -13.37 10.53
C ASP A 89 -14.46 -14.12 9.71
N GLY A 90 -13.21 -13.78 10.01
CA GLY A 90 -12.04 -14.44 9.41
C GLY A 90 -11.52 -13.77 8.15
N ASP A 91 -12.28 -12.83 7.60
CA ASP A 91 -11.83 -12.16 6.36
C ASP A 91 -10.53 -11.39 6.64
N ILE A 92 -9.66 -11.39 5.65
CA ILE A 92 -8.55 -10.44 5.61
C ILE A 92 -8.91 -9.41 4.54
N VAL A 93 -8.71 -8.14 4.88
CA VAL A 93 -9.23 -7.04 4.08
C VAL A 93 -8.15 -5.97 3.94
N ASN A 94 -7.76 -5.66 2.71
CA ASN A 94 -6.88 -4.52 2.45
C ASN A 94 -7.76 -3.30 2.12
N ILE A 95 -7.46 -2.17 2.76
CA ILE A 95 -7.98 -0.87 2.30
C ILE A 95 -6.80 -0.06 1.84
N ASP A 96 -6.83 0.34 0.57
CA ASP A 96 -5.75 1.13 -0.04
C ASP A 96 -6.32 2.50 -0.37
N VAL A 97 -5.65 3.51 0.18
CA VAL A 97 -6.05 4.91 0.15
C VAL A 97 -4.99 5.71 -0.60
N THR A 98 -5.43 6.61 -1.45
CA THR A 98 -4.54 7.65 -1.94
C THR A 98 -5.29 8.97 -1.96
N VAL A 99 -4.72 9.95 -1.28
CA VAL A 99 -5.29 11.31 -1.28
C VAL A 99 -4.36 12.28 -1.97
N ILE A 100 -4.96 13.32 -2.54
CA ILE A 100 -4.19 14.44 -3.07
C ILE A 100 -4.56 15.64 -2.21
N LYS A 101 -3.53 16.34 -1.70
CA LYS A 101 -3.70 17.54 -0.92
C LYS A 101 -2.61 18.54 -1.32
N ASP A 102 -3.02 19.73 -1.74
CA ASP A 102 -2.08 20.81 -2.05
C ASP A 102 -1.15 20.31 -3.16
N GLY A 103 -1.72 19.51 -4.05
CA GLY A 103 -1.05 19.09 -5.26
C GLY A 103 -0.19 17.84 -5.11
N PHE A 104 -0.08 17.28 -3.90
CA PHE A 104 0.77 16.13 -3.66
C PHE A 104 -0.01 14.90 -3.21
N HIS A 105 0.49 13.72 -3.59
CA HIS A 105 -0.17 12.45 -3.27
C HIS A 105 0.42 11.76 -2.04
N GLY A 106 -0.45 11.10 -1.28
CA GLY A 106 -0.05 10.21 -0.21
C GLY A 106 -0.75 8.88 -0.42
N ASP A 107 0.00 7.77 -0.40
CA ASP A 107 -0.57 6.48 -0.86
C ASP A 107 -0.17 5.42 0.16
N THR A 108 -1.15 4.74 0.75
CA THR A 108 -0.86 3.80 1.81
C THR A 108 -2.00 2.78 1.93
N SER A 109 -1.68 1.57 2.38
CA SER A 109 -2.70 0.55 2.59
C SER A 109 -2.30 -0.30 3.80
N LYS A 110 -3.31 -0.93 4.39
CA LYS A 110 -3.02 -1.94 5.40
C LYS A 110 -4.06 -3.05 5.35
N MET A 111 -3.71 -4.16 6.02
CA MET A 111 -4.65 -5.27 6.22
C MET A 111 -5.40 -5.08 7.53
N PHE A 112 -6.69 -5.45 7.47
CA PHE A 112 -7.52 -5.61 8.67
C PHE A 112 -8.01 -7.04 8.70
N ILE A 113 -7.95 -7.69 9.86
CA ILE A 113 -8.58 -9.00 9.99
C ILE A 113 -9.90 -8.80 10.73
N VAL A 114 -10.96 -9.38 10.19
CA VAL A 114 -12.30 -9.14 10.72
C VAL A 114 -12.65 -10.26 11.70
N GLY A 115 -13.09 -9.89 12.90
CA GLY A 115 -13.51 -10.91 13.88
C GLY A 115 -12.38 -11.85 14.25
N LYS A 116 -12.67 -13.14 14.42
CA LYS A 116 -11.62 -14.09 14.83
C LYS A 116 -10.69 -14.42 13.66
N PRO A 117 -9.39 -14.11 13.80
CA PRO A 117 -8.50 -14.43 12.68
C PRO A 117 -8.42 -15.93 12.41
N THR A 118 -8.21 -16.30 11.15
CA THR A 118 -7.68 -17.62 10.87
C THR A 118 -6.17 -17.55 11.04
N ILE A 119 -5.58 -18.64 11.48
CA ILE A 119 -4.13 -18.65 11.67
C ILE A 119 -3.37 -18.36 10.38
N MET A 120 -3.79 -18.94 9.25
CA MET A 120 -3.11 -18.71 7.98
C MET A 120 -3.27 -17.26 7.53
N GLY A 121 -4.47 -16.68 7.72
CA GLY A 121 -4.67 -15.30 7.31
C GLY A 121 -3.77 -14.38 8.10
N GLU A 122 -3.70 -14.63 9.40
CA GLU A 122 -2.87 -13.82 10.28
C GLU A 122 -1.39 -13.94 9.90
N ARG A 123 -0.93 -15.16 9.62
CA ARG A 123 0.46 -15.36 9.25
C ARG A 123 0.78 -14.66 7.92
N LEU A 124 -0.12 -14.82 6.94
CA LEU A 124 0.09 -14.19 5.66
C LEU A 124 0.20 -12.67 5.80
N CYS A 125 -0.71 -12.06 6.59
CA CYS A 125 -0.64 -10.63 6.78
C CYS A 125 0.64 -10.22 7.48
N ARG A 126 1.02 -10.95 8.52
CA ARG A 126 2.24 -10.64 9.28
C ARG A 126 3.49 -10.73 8.40
N ILE A 127 3.64 -11.80 7.62
CA ILE A 127 4.81 -11.94 6.73
C ILE A 127 4.81 -10.80 5.71
N THR A 128 3.64 -10.39 5.23
CA THR A 128 3.57 -9.31 4.25
C THR A 128 4.05 -8.00 4.89
N GLN A 129 3.54 -7.68 6.07
CA GLN A 129 4.03 -6.45 6.70
C GLN A 129 5.53 -6.51 6.98
N GLU A 130 5.97 -7.68 7.44
CA GLU A 130 7.39 -7.85 7.77
C GLU A 130 8.28 -7.69 6.50
N SER A 131 7.77 -8.10 5.35
CA SER A 131 8.50 -7.90 4.09
C SER A 131 8.61 -6.42 3.74
N LEU A 132 7.52 -5.68 3.96
CA LEU A 132 7.58 -4.23 3.78
C LEU A 132 8.60 -3.59 4.75
N TYR A 133 8.52 -3.96 6.02
CA TYR A 133 9.42 -3.38 6.99
C TYR A 133 10.88 -3.70 6.68
N LEU A 134 11.19 -4.92 6.25
CA LEU A 134 12.57 -5.23 5.97
C LEU A 134 13.07 -4.38 4.79
N ALA A 135 12.20 -4.14 3.82
CA ALA A 135 12.55 -3.28 2.71
C ALA A 135 12.80 -1.85 3.17
N LEU A 136 11.91 -1.35 4.03
CA LEU A 136 12.08 0.00 4.54
C LEU A 136 13.42 0.19 5.25
N ARG A 137 13.84 -0.82 6.03
N ARG A 137 13.85 -0.82 6.00
CA ARG A 137 15.12 -0.81 6.73
CA ARG A 137 15.12 -0.76 6.73
C ARG A 137 16.30 -0.70 5.76
C ARG A 137 16.34 -0.85 5.80
N MET A 138 16.14 -1.15 4.52
CA MET A 138 17.25 -1.08 3.53
C MET A 138 17.39 0.23 2.77
N VAL A 139 16.36 1.07 2.80
CA VAL A 139 16.34 2.29 1.98
C VAL A 139 17.34 3.32 2.52
N LYS A 140 18.33 3.67 1.71
CA LYS A 140 19.20 4.79 2.02
C LYS A 140 19.90 5.15 0.72
N PRO A 141 20.49 6.35 0.67
CA PRO A 141 21.16 6.70 -0.57
C PRO A 141 22.23 5.66 -0.90
N GLY A 142 22.35 5.40 -2.20
CA GLY A 142 23.47 4.57 -2.65
C GLY A 142 23.08 3.11 -2.77
N ILE A 143 21.98 2.72 -2.13
CA ILE A 143 21.49 1.35 -2.27
C ILE A 143 20.75 1.25 -3.59
N ASN A 144 20.82 0.08 -4.23
CA ASN A 144 20.09 -0.19 -5.47
C ASN A 144 18.71 -0.78 -5.20
N LEU A 145 17.67 -0.28 -5.88
CA LEU A 145 16.33 -0.85 -5.70
C LEU A 145 16.34 -2.35 -5.97
N ARG A 146 17.32 -2.83 -6.74
CA ARG A 146 17.34 -4.24 -7.05
C ARG A 146 17.54 -5.07 -5.79
N GLU A 147 18.38 -4.55 -4.90
CA GLU A 147 18.72 -5.27 -3.68
C GLU A 147 17.48 -5.40 -2.81
N ILE A 148 16.64 -4.36 -2.82
CA ILE A 148 15.46 -4.36 -1.99
C ILE A 148 14.41 -5.34 -2.55
N GLY A 149 14.20 -5.34 -3.86
CA GLY A 149 13.26 -6.31 -4.45
C GLY A 149 13.70 -7.75 -4.23
N ALA A 150 14.98 -8.01 -4.42
CA ALA A 150 15.51 -9.34 -4.17
C ALA A 150 15.30 -9.79 -2.73
N ALA A 151 15.45 -8.86 -1.79
CA ALA A 151 15.30 -9.19 -0.37
C ALA A 151 13.84 -9.47 0.01
N ILE A 152 12.89 -8.69 -0.52
CA ILE A 152 11.49 -8.96 -0.23
C ILE A 152 11.19 -10.39 -0.69
N GLN A 153 11.57 -10.72 -1.91
CA GLN A 153 11.24 -12.01 -2.49
C GLN A 153 11.83 -13.17 -1.70
N LYS A 154 13.10 -13.04 -1.33
CA LYS A 154 13.78 -14.11 -0.61
C LYS A 154 13.04 -14.38 0.71
N PHE A 155 12.66 -13.30 1.39
CA PHE A 155 12.00 -13.42 2.69
C PHE A 155 10.64 -14.07 2.55
N VAL A 156 9.84 -13.62 1.58
CA VAL A 156 8.50 -14.14 1.37
C VAL A 156 8.53 -15.61 0.94
N GLU A 157 9.41 -15.96 0.01
CA GLU A 157 9.43 -17.31 -0.52
C GLU A 157 9.86 -18.32 0.52
N ALA A 158 10.72 -17.89 1.45
CA ALA A 158 11.18 -18.79 2.51
C ALA A 158 10.03 -19.19 3.44
N GLU A 159 8.96 -18.40 3.50
CA GLU A 159 7.76 -18.72 4.25
C GLU A 159 6.75 -19.63 3.51
N GLY A 160 7.09 -20.01 2.28
CA GLY A 160 6.20 -20.79 1.46
C GLY A 160 5.15 -19.97 0.72
N PHE A 161 5.32 -18.66 0.67
CA PHE A 161 4.40 -17.72 0.00
C PHE A 161 5.05 -17.23 -1.29
N SER A 162 4.30 -16.48 -2.08
CA SER A 162 4.80 -16.02 -3.38
C SER A 162 4.57 -14.52 -3.51
N VAL A 163 5.35 -13.88 -4.38
CA VAL A 163 5.24 -12.45 -4.62
C VAL A 163 4.58 -12.19 -5.98
N VAL A 164 3.52 -11.39 -5.98
CA VAL A 164 2.89 -10.96 -7.20
C VAL A 164 3.84 -10.10 -8.02
N ARG A 165 3.97 -10.40 -9.32
CA ARG A 165 4.93 -9.67 -10.17
C ARG A 165 4.39 -8.36 -10.75
N GLU A 166 3.09 -8.34 -10.99
CA GLU A 166 2.40 -7.16 -11.54
C GLU A 166 2.15 -6.08 -10.44
N TYR A 167 1.74 -4.88 -10.81
N TYR A 167 1.83 -4.86 -10.85
CA TYR A 167 1.47 -3.91 -9.77
CA TYR A 167 1.37 -3.77 -9.96
C TYR A 167 2.74 -3.97 -8.94
C TYR A 167 2.37 -3.36 -8.85
N CYS A 168 3.59 -3.03 -9.24
CA CYS A 168 4.72 -2.72 -8.36
CA CYS A 168 4.70 -2.71 -8.34
C CYS A 168 4.53 -1.38 -7.64
N GLY A 169 5.42 -1.14 -6.68
CA GLY A 169 5.51 0.19 -6.11
C GLY A 169 6.03 1.18 -7.13
N HIS A 170 6.05 2.44 -6.75
CA HIS A 170 6.15 3.50 -7.74
C HIS A 170 6.61 4.82 -7.14
N GLY A 171 7.39 5.58 -7.92
CA GLY A 171 7.55 7.00 -7.61
C GLY A 171 6.19 7.67 -7.45
N ILE A 172 6.17 8.79 -6.73
CA ILE A 172 4.93 9.47 -6.34
C ILE A 172 5.26 10.91 -5.97
N GLY A 173 4.37 11.83 -6.27
CA GLY A 173 4.60 13.25 -5.95
C GLY A 173 3.41 14.04 -6.43
N ARG A 174 3.64 15.00 -7.32
CA ARG A 174 2.52 15.63 -8.06
C ARG A 174 1.80 14.65 -8.98
N GLY A 175 2.52 13.62 -9.42
CA GLY A 175 1.91 12.51 -10.15
C GLY A 175 1.65 11.32 -9.25
N PHE A 176 0.55 10.63 -9.52
CA PHE A 176 0.16 9.45 -8.75
C PHE A 176 1.23 8.38 -8.95
N HIS A 177 1.57 8.15 -10.22
CA HIS A 177 2.60 7.19 -10.58
C HIS A 177 3.70 7.84 -11.40
N GLU A 178 4.91 7.81 -10.84
CA GLU A 178 6.09 8.40 -11.45
C GLU A 178 7.18 7.33 -11.44
N GLU A 179 8.23 7.56 -12.22
CA GLU A 179 9.43 6.74 -12.13
C GLU A 179 9.98 6.89 -10.72
N PRO A 180 10.65 5.86 -10.20
CA PRO A 180 10.87 4.53 -10.78
C PRO A 180 9.73 3.54 -10.53
N GLN A 181 9.81 2.40 -11.22
CA GLN A 181 9.13 1.20 -10.77
C GLN A 181 9.89 0.58 -9.59
N VAL A 182 9.15 0.20 -8.57
CA VAL A 182 9.72 -0.45 -7.40
C VAL A 182 9.26 -1.92 -7.36
N LEU A 183 10.05 -2.79 -7.97
CA LEU A 183 9.68 -4.21 -8.06
C LEU A 183 9.85 -4.85 -6.69
N HIS A 184 8.99 -5.81 -6.35
CA HIS A 184 9.07 -6.53 -5.07
C HIS A 184 9.70 -7.89 -5.25
N TYR A 185 10.47 -8.05 -6.32
CA TYR A 185 11.14 -9.31 -6.64
C TYR A 185 12.44 -8.99 -7.36
N ASP A 186 13.33 -9.97 -7.46
CA ASP A 186 14.62 -9.70 -8.10
C ASP A 186 14.51 -9.67 -9.62
N SER A 187 15.10 -8.62 -10.20
CA SER A 187 15.22 -8.41 -11.66
C SER A 187 16.56 -7.76 -12.08
N ARG A 188 17.22 -8.36 -13.07
CA ARG A 188 18.44 -7.78 -13.67
C ARG A 188 18.20 -6.41 -14.31
N GLU A 189 16.96 -6.09 -14.63
CA GLU A 189 16.62 -4.78 -15.19
C GLU A 189 16.72 -3.65 -14.19
N THR A 190 16.69 -3.98 -12.90
CA THR A 190 16.62 -2.92 -11.90
C THR A 190 18.00 -2.38 -11.64
N ASN A 191 18.20 -1.10 -11.91
CA ASN A 191 19.46 -0.43 -11.57
C ASN A 191 19.11 1.00 -11.24
N VAL A 192 18.55 1.21 -10.05
CA VAL A 192 18.22 2.55 -9.61
C VAL A 192 18.95 2.73 -8.31
N VAL A 193 19.95 3.60 -8.34
CA VAL A 193 20.67 3.94 -7.13
C VAL A 193 19.91 5.10 -6.50
N LEU A 194 19.47 4.87 -5.27
CA LEU A 194 18.69 5.84 -4.54
C LEU A 194 19.54 7.08 -4.22
N LYS A 195 18.82 8.21 -4.22
CA LYS A 195 19.37 9.53 -3.95
C LYS A 195 18.46 10.20 -2.93
N PRO A 196 19.00 11.05 -2.05
CA PRO A 196 18.09 11.81 -1.18
C PRO A 196 17.04 12.59 -1.97
N GLY A 197 15.80 12.60 -1.49
CA GLY A 197 14.75 13.41 -2.09
C GLY A 197 13.89 12.68 -3.10
N MET A 198 14.28 11.46 -3.46
CA MET A 198 13.36 10.55 -4.15
C MET A 198 12.21 10.20 -3.20
N THR A 199 11.00 10.24 -3.74
CA THR A 199 9.82 9.74 -3.03
C THR A 199 9.12 8.65 -3.84
N PHE A 200 8.79 7.56 -3.15
CA PHE A 200 8.19 6.42 -3.79
C PHE A 200 7.49 5.55 -2.76
N THR A 201 6.69 4.61 -3.25
CA THR A 201 6.03 3.63 -2.43
C THR A 201 6.69 2.26 -2.52
N ILE A 202 6.46 1.46 -1.48
CA ILE A 202 6.76 0.03 -1.50
C ILE A 202 5.43 -0.61 -1.10
N GLU A 203 4.97 -1.60 -1.85
CA GLU A 203 3.61 -2.14 -1.70
C GLU A 203 3.47 -3.61 -2.08
N PRO A 204 4.25 -4.48 -1.42
CA PRO A 204 4.26 -5.88 -1.85
C PRO A 204 2.89 -6.53 -1.66
N MET A 205 2.47 -7.29 -2.68
CA MET A 205 1.36 -8.24 -2.62
C MET A 205 1.91 -9.64 -2.53
N VAL A 206 1.41 -10.39 -1.55
CA VAL A 206 1.95 -11.69 -1.20
C VAL A 206 0.80 -12.67 -1.18
N ASN A 207 0.95 -13.76 -1.94
CA ASN A 207 -0.07 -14.80 -2.02
C ASN A 207 0.33 -15.99 -1.16
N ALA A 208 -0.66 -16.61 -0.50
CA ALA A 208 -0.35 -17.82 0.27
C ALA A 208 -0.01 -18.99 -0.67
N GLY A 209 -0.61 -18.98 -1.86
CA GLY A 209 -0.37 -20.00 -2.87
C GLY A 209 0.57 -19.52 -3.96
N LYS A 210 0.16 -19.71 -5.21
CA LYS A 210 1.04 -19.44 -6.34
C LYS A 210 0.94 -17.98 -6.75
N LYS A 211 1.95 -17.52 -7.49
CA LYS A 211 2.12 -16.10 -7.75
C LYS A 211 1.13 -15.58 -8.79
N GLU A 212 0.59 -16.45 -9.63
CA GLU A 212 -0.17 -16.00 -10.78
C GLU A 212 -1.48 -15.34 -10.39
N ILE A 213 -1.90 -14.35 -11.17
CA ILE A 213 -3.11 -13.58 -10.90
CA ILE A 213 -3.13 -13.62 -10.88
C ILE A 213 -4.05 -13.60 -12.10
N ARG A 214 -5.27 -13.11 -11.91
CA ARG A 214 -6.28 -13.08 -12.96
C ARG A 214 -7.14 -11.83 -12.74
N THR A 215 -7.46 -11.10 -13.82
CA THR A 215 -8.37 -9.99 -13.73
C THR A 215 -9.76 -10.47 -14.08
N MET A 216 -10.72 -10.07 -13.25
CA MET A 216 -12.11 -10.46 -13.43
C MET A 216 -12.77 -9.73 -14.61
N LYS A 217 -13.94 -10.21 -15.03
CA LYS A 217 -14.62 -9.65 -16.19
CA LYS A 217 -14.64 -9.66 -16.18
C LYS A 217 -15.14 -8.23 -15.96
N ASP A 218 -15.21 -7.82 -14.70
CA ASP A 218 -15.60 -6.46 -14.39
C ASP A 218 -14.54 -5.44 -14.78
N GLY A 219 -13.35 -5.91 -15.19
CA GLY A 219 -12.30 -5.01 -15.67
C GLY A 219 -11.42 -4.36 -14.63
N TRP A 220 -11.63 -4.72 -13.38
CA TRP A 220 -10.91 -4.07 -12.27
C TRP A 220 -10.35 -5.08 -11.28
N THR A 221 -11.22 -5.98 -10.83
CA THR A 221 -10.92 -6.84 -9.66
C THR A 221 -9.83 -7.85 -10.04
N VAL A 222 -8.77 -7.93 -9.23
CA VAL A 222 -7.69 -8.86 -9.51
C VAL A 222 -7.70 -9.93 -8.42
N LYS A 223 -7.67 -11.20 -8.82
CA LYS A 223 -7.69 -12.32 -7.89
C LYS A 223 -6.50 -13.23 -8.08
N THR A 224 -6.15 -13.99 -7.05
CA THR A 224 -5.17 -15.06 -7.26
C THR A 224 -5.74 -16.11 -8.23
N LYS A 225 -4.92 -16.60 -9.14
CA LYS A 225 -5.40 -17.63 -10.05
C LYS A 225 -5.83 -18.90 -9.32
N ASP A 226 -5.18 -19.26 -8.23
CA ASP A 226 -5.50 -20.48 -7.49
C ASP A 226 -6.47 -20.24 -6.34
N ARG A 227 -6.97 -19.01 -6.25
CA ARG A 227 -7.91 -18.61 -5.21
C ARG A 227 -7.33 -18.71 -3.80
N SER A 228 -6.01 -18.76 -3.70
CA SER A 228 -5.38 -18.60 -2.40
C SER A 228 -5.52 -17.18 -1.85
N LEU A 229 -5.33 -17.03 -0.54
CA LEU A 229 -5.35 -15.71 0.08
C LEU A 229 -4.20 -14.83 -0.43
N SER A 230 -4.43 -13.52 -0.46
CA SER A 230 -3.43 -12.53 -0.84
C SER A 230 -3.48 -11.33 0.12
N ALA A 231 -2.32 -10.78 0.47
CA ALA A 231 -2.24 -9.65 1.41
C ALA A 231 -1.26 -8.61 0.86
N GLN A 232 -1.49 -7.36 1.27
CA GLN A 232 -0.67 -6.24 0.86
C GLN A 232 -0.57 -5.22 2.01
N TYR A 233 0.57 -4.54 2.08
CA TYR A 233 0.71 -3.32 2.87
C TYR A 233 1.53 -2.35 2.04
N GLU A 234 1.35 -1.06 2.25
CA GLU A 234 2.00 -0.01 1.47
C GLU A 234 2.33 1.18 2.34
N HIS A 235 3.53 1.74 2.13
CA HIS A 235 3.88 3.05 2.70
C HIS A 235 4.48 3.93 1.61
N THR A 236 4.28 5.24 1.76
CA THR A 236 4.99 6.26 0.96
C THR A 236 6.17 6.75 1.76
N ILE A 237 7.34 6.81 1.13
CA ILE A 237 8.53 7.27 1.86
CA ILE A 237 8.54 7.26 1.84
C ILE A 237 9.31 8.34 1.10
N VAL A 238 10.17 9.05 1.81
CA VAL A 238 11.20 9.87 1.16
C VAL A 238 12.61 9.37 1.54
N VAL A 239 13.54 9.31 0.58
CA VAL A 239 14.92 8.92 0.89
C VAL A 239 15.56 10.15 1.50
N THR A 240 16.24 9.96 2.62
CA THR A 240 16.95 11.06 3.26
C THR A 240 18.45 10.88 3.06
N ASP A 241 19.23 11.77 3.64
CA ASP A 241 20.67 11.70 3.46
C ASP A 241 21.28 10.43 4.07
N ASN A 242 20.60 9.85 5.06
CA ASN A 242 21.14 8.69 5.76
C ASN A 242 20.18 7.52 5.94
N GLY A 243 19.08 7.51 5.21
CA GLY A 243 18.10 6.44 5.38
C GLY A 243 16.82 6.86 4.71
N CYS A 244 15.69 6.73 5.41
CA CYS A 244 14.42 7.20 4.87
C CYS A 244 13.52 7.72 5.98
N GLU A 245 12.43 8.37 5.55
CA GLU A 245 11.38 8.80 6.44
C GLU A 245 10.07 8.30 5.85
N ILE A 246 9.31 7.60 6.68
CA ILE A 246 8.02 7.06 6.30
C ILE A 246 7.00 8.19 6.44
N LEU A 247 6.31 8.51 5.35
CA LEU A 247 5.37 9.64 5.33
C LEU A 247 3.94 9.25 5.71
N THR A 248 3.63 7.96 5.64
CA THR A 248 2.32 7.42 5.92
C THR A 248 2.24 6.58 7.19
N LEU A 249 3.11 6.86 8.16
CA LEU A 249 3.11 6.03 9.36
C LEU A 249 1.82 6.20 10.17
N ARG A 250 1.34 5.10 10.78
CA ARG A 250 0.19 5.13 11.69
C ARG A 250 0.62 4.81 13.11
N LYS A 251 -0.26 5.10 14.06
CA LYS A 251 0.00 4.70 15.45
C LYS A 251 0.24 3.20 15.59
N ASP A 252 -0.39 2.36 14.77
CA ASP A 252 -0.23 0.92 14.91
CA ASP A 252 -0.18 0.93 14.95
C ASP A 252 1.01 0.35 14.24
N ASP A 253 1.70 1.16 13.43
CA ASP A 253 2.98 0.71 12.87
C ASP A 253 3.94 0.50 14.05
N THR A 254 4.88 -0.42 13.85
CA THR A 254 5.85 -0.80 14.90
C THR A 254 7.29 -0.64 14.41
N ILE A 255 7.47 0.25 13.43
CA ILE A 255 8.76 0.67 12.91
C ILE A 255 8.82 2.17 13.10
N PRO A 256 9.99 2.73 13.43
CA PRO A 256 10.09 4.19 13.58
C PRO A 256 9.83 4.98 12.30
N ALA A 257 9.30 6.21 12.40
CA ALA A 257 9.07 6.99 11.20
C ALA A 257 10.37 7.38 10.48
N ILE A 258 11.41 7.69 11.25
CA ILE A 258 12.69 8.07 10.67
C ILE A 258 13.68 6.94 10.94
N ILE A 259 14.23 6.39 9.87
CA ILE A 259 15.18 5.30 10.01
C ILE A 259 16.54 5.82 9.61
N SER A 260 17.50 5.81 10.54
CA SER A 260 18.81 6.44 10.37
C SER A 260 19.91 5.38 10.36
N HIS A 261 20.76 5.40 9.34
CA HIS A 261 21.90 4.49 9.25
C HIS A 261 23.26 5.10 9.59
N ASP A 262 23.23 6.17 10.38
CA ASP A 262 24.42 6.92 10.74
C ASP A 262 24.84 6.57 12.15
N GLU A 263 26.15 6.56 12.39
CA GLU A 263 26.71 6.33 13.73
C GLU A 263 26.63 7.57 14.62
CO CO B . 0.67 2.83 -4.73
CO CO C . -2.00 2.39 -2.78
NA NA D . -6.57 -10.32 -0.49
F29 U11 E . -7.76 2.89 -9.52
C9 U11 E . -6.81 1.99 -9.79
F30 U11 E . -6.26 2.32 -10.96
F31 U11 E . -7.35 0.77 -9.90
C5 U11 E . -5.77 2.15 -8.70
C2 U11 E . -5.92 1.50 -7.49
C4 U11 E . -4.99 1.68 -6.46
C6 U11 E . -4.69 2.99 -8.90
C3 U11 E . -3.76 3.16 -7.89
C7 U11 E . -3.89 2.54 -6.65
C11 U11 E . -2.87 2.73 -5.56
N24 U11 E . -3.45 3.08 -4.26
C23 U11 E . -1.90 1.55 -5.50
O27 U11 E . -0.99 1.67 -4.40
C25 U11 E . -1.09 1.63 -6.76
O31 U11 E . -0.21 2.48 -6.86
N32 U11 E . -1.41 0.76 -7.72
C33 U11 E . -0.75 0.77 -9.00
C37 U11 E . 0.56 0.03 -8.90
C36 U11 E . -1.61 0.07 -9.99
O41 U11 E . -2.33 -0.88 -9.69
N42 U11 E . -1.57 0.49 -11.25
C43 U11 E . -2.27 -0.07 -12.39
C47 U11 E . -1.34 -1.17 -12.86
O60 U11 E . -0.19 -1.26 -12.43
O61 U11 E . -1.79 -2.17 -13.81
C62 U11 E . -0.87 -2.72 -14.76
#